data_4KMD
#
_entry.id   4KMD
#
_cell.length_a   70.830
_cell.length_b   82.118
_cell.length_c   149.756
_cell.angle_alpha   90.00
_cell.angle_beta   90.00
_cell.angle_gamma   90.00
#
_symmetry.space_group_name_H-M   'C 2 2 21'
#
loop_
_entity.id
_entity.type
_entity.pdbx_description
1 polymer Sufu
2 polymer 'Zinc finger protein GLI1'
3 non-polymer GLYCEROL
4 non-polymer 2,3-DIHYDROXY-1,4-DITHIOBUTANE
5 water water
#
loop_
_entity_poly.entity_id
_entity_poly.type
_entity_poly.pdbx_seq_one_letter_code
_entity_poly.pdbx_strand_id
1 'polypeptide(L)'
;MGSSHHHHHHSSGLVPRGSHMAELRPSGAPGPTAPPAPGPTAPPAFASLFPPGLHAIYGECRRLYPDQPNPLQVTAIVKY
WLGGPDPLDYVSMYRNVGSPSANIPEHWHYISFGLSDLYGDNRVHEFTGTDGPSGFGFELTFRLKRETGESAPPTWPAEL
MQGLARYVFQSENTFCSGDHVSWHSPLDNSESRIQHMLLTEDPQMQPVQTPFGVVTFLQIVGVCTEELHSAQQWNGQGIL
ELLRTVPIAGGPWLITDMRRGETIFEIDPHLQERVDKGIETDGSNLSGVSAKCAWDDLSRPPEDDSLESDSSTAIIPHEL
IRTRQLESVHLKFNQESGALIPLCLRGRLLHGRHFTYKSITGDMAITFVSTGVEGAFATEEHPYAAHGPWLQILLTEEFV
EKMLEDLEDLTSPEEFKLPKEYSWPEKKLKVSILPDVVFDSPLH
;
A
2 'polypeptide(L)' SRCTSPGGSYGHLSIGT B
#
# COMPACT_ATOMS: atom_id res chain seq x y z
N SER A 48 -21.77 3.24 -26.49
CA SER A 48 -21.06 2.14 -27.19
C SER A 48 -21.28 0.81 -26.50
N LEU A 49 -21.54 -0.24 -27.29
CA LEU A 49 -21.86 -1.56 -26.76
C LEU A 49 -20.65 -2.33 -26.24
N PHE A 50 -19.50 -2.13 -26.87
CA PHE A 50 -18.24 -2.67 -26.35
C PHE A 50 -17.26 -1.52 -26.07
N PRO A 51 -16.99 -1.29 -24.78
CA PRO A 51 -16.08 -0.23 -24.31
C PRO A 51 -14.62 -0.47 -24.73
N PRO A 52 -14.00 0.51 -25.40
CA PRO A 52 -12.64 0.40 -25.93
C PRO A 52 -11.55 0.08 -24.89
N GLY A 53 -11.69 0.62 -23.68
CA GLY A 53 -10.72 0.36 -22.61
C GLY A 53 -10.85 -1.06 -22.11
N LEU A 54 -12.09 -1.52 -22.02
CA LEU A 54 -12.39 -2.89 -21.66
C LEU A 54 -11.83 -3.87 -22.69
N HIS A 55 -12.11 -3.61 -23.97
CA HIS A 55 -11.70 -4.48 -25.08
C HIS A 55 -10.18 -4.60 -25.19
N ALA A 56 -9.48 -3.51 -24.92
CA ALA A 56 -8.02 -3.50 -24.98
C ALA A 56 -7.41 -4.46 -23.95
N ILE A 57 -7.91 -4.42 -22.71
CA ILE A 57 -7.42 -5.34 -21.68
C ILE A 57 -7.79 -6.78 -22.01
N TYR A 58 -9.01 -6.99 -22.50
CA TYR A 58 -9.44 -8.33 -22.94
C TYR A 58 -8.48 -8.95 -23.94
N GLY A 59 -7.91 -8.12 -24.81
CA GLY A 59 -6.91 -8.56 -25.78
C GLY A 59 -5.70 -9.19 -25.11
N GLU A 60 -5.25 -8.56 -24.02
CA GLU A 60 -4.14 -9.10 -23.23
C GLU A 60 -4.54 -10.39 -22.50
N CYS A 61 -5.73 -10.41 -21.93
CA CYS A 61 -6.27 -11.63 -21.31
C CYS A 61 -6.34 -12.80 -22.29
N ARG A 62 -6.83 -12.53 -23.51
CA ARG A 62 -6.92 -13.55 -24.58
C ARG A 62 -5.55 -14.09 -24.96
N ARG A 63 -4.55 -13.21 -24.93
CA ARG A 63 -3.18 -13.57 -25.26
C ARG A 63 -2.63 -14.59 -24.27
N LEU A 64 -2.95 -14.38 -22.99
CA LEU A 64 -2.48 -15.26 -21.92
C LEU A 64 -3.34 -16.51 -21.76
N TYR A 65 -4.62 -16.37 -22.08
CA TYR A 65 -5.58 -17.46 -21.89
C TYR A 65 -6.39 -17.75 -23.17
N PRO A 66 -5.71 -18.14 -24.27
CA PRO A 66 -6.40 -18.33 -25.54
C PRO A 66 -7.46 -19.44 -25.48
N ASP A 67 -7.30 -20.35 -24.52
CA ASP A 67 -8.22 -21.47 -24.33
C ASP A 67 -9.35 -21.22 -23.31
N GLN A 68 -9.40 -20.01 -22.76
CA GLN A 68 -10.47 -19.64 -21.83
C GLN A 68 -11.20 -18.38 -22.29
N PRO A 69 -11.99 -18.49 -23.36
CA PRO A 69 -12.70 -17.33 -23.90
C PRO A 69 -13.91 -16.94 -23.04
N ASN A 70 -14.30 -17.81 -22.12
CA ASN A 70 -15.54 -17.62 -21.36
C ASN A 70 -15.33 -17.88 -19.86
N PRO A 71 -14.36 -17.17 -19.24
CA PRO A 71 -14.12 -17.36 -17.80
C PRO A 71 -15.27 -16.85 -16.93
N LEU A 72 -15.33 -17.34 -15.70
CA LEU A 72 -16.16 -16.74 -14.67
C LEU A 72 -15.80 -15.25 -14.56
N GLN A 73 -16.82 -14.40 -14.63
CA GLN A 73 -16.64 -12.97 -14.40
C GLN A 73 -17.75 -12.49 -13.49
N VAL A 74 -17.38 -11.79 -12.43
CA VAL A 74 -18.37 -11.19 -11.55
C VAL A 74 -18.53 -9.72 -11.90
N THR A 75 -19.64 -9.13 -11.49
CA THR A 75 -19.92 -7.73 -11.83
C THR A 75 -20.62 -7.04 -10.68
N ALA A 76 -20.53 -5.72 -10.65
CA ALA A 76 -21.23 -4.91 -9.64
C ALA A 76 -22.65 -4.70 -10.11
N ILE A 77 -23.61 -5.18 -9.33
CA ILE A 77 -25.01 -5.13 -9.72
C ILE A 77 -25.54 -3.72 -9.95
N VAL A 78 -25.14 -2.78 -9.09
CA VAL A 78 -25.39 -1.37 -9.35
C VAL A 78 -24.02 -0.78 -9.59
N LYS A 79 -23.75 -0.38 -10.82
CA LYS A 79 -22.41 0.16 -11.15
C LYS A 79 -22.10 1.41 -10.34
N TYR A 80 -20.81 1.60 -10.08
CA TYR A 80 -20.34 2.75 -9.31
C TYR A 80 -20.81 4.07 -9.90
N TRP A 81 -20.76 4.19 -11.23
CA TRP A 81 -21.15 5.41 -11.93
C TRP A 81 -22.67 5.61 -11.98
N LEU A 82 -23.40 4.68 -11.38
CA LEU A 82 -24.84 4.83 -11.16
C LEU A 82 -25.19 4.89 -9.67
N GLY A 83 -24.19 5.11 -8.83
CA GLY A 83 -24.41 5.27 -7.39
C GLY A 83 -24.10 4.07 -6.51
N GLY A 84 -23.60 2.99 -7.11
CA GLY A 84 -23.26 1.79 -6.37
C GLY A 84 -22.01 1.96 -5.53
N PRO A 85 -21.79 1.07 -4.53
CA PRO A 85 -20.68 1.20 -3.59
C PRO A 85 -19.34 0.67 -4.08
N ASP A 86 -19.36 -0.15 -5.13
CA ASP A 86 -18.19 -0.93 -5.55
C ASP A 86 -17.61 -0.37 -6.86
N PRO A 87 -16.38 0.18 -6.81
CA PRO A 87 -15.81 0.88 -7.98
C PRO A 87 -15.44 -0.02 -9.15
N LEU A 88 -15.21 -1.31 -8.91
CA LEU A 88 -14.82 -2.22 -9.98
C LEU A 88 -16.07 -2.79 -10.65
N ASP A 89 -16.20 -2.48 -11.94
CA ASP A 89 -17.33 -2.91 -12.73
C ASP A 89 -17.35 -4.43 -12.94
N TYR A 90 -16.17 -5.02 -13.11
CA TYR A 90 -16.02 -6.46 -13.37
C TYR A 90 -14.77 -6.97 -12.70
N VAL A 91 -14.77 -8.26 -12.34
CA VAL A 91 -13.53 -8.96 -11.99
C VAL A 91 -13.58 -10.30 -12.70
N SER A 92 -12.61 -10.53 -13.58
CA SER A 92 -12.48 -11.81 -14.30
C SER A 92 -11.69 -12.78 -13.46
N MET A 93 -12.03 -14.07 -13.58
CA MET A 93 -11.44 -15.12 -12.74
C MET A 93 -11.03 -16.31 -13.60
N TYR A 94 -9.72 -16.40 -13.88
CA TYR A 94 -9.16 -17.41 -14.76
C TYR A 94 -8.51 -18.57 -14.00
N ARG A 95 -8.49 -19.73 -14.64
CA ARG A 95 -7.64 -20.83 -14.19
C ARG A 95 -6.26 -20.67 -14.81
N ASN A 96 -5.23 -20.78 -14.00
CA ASN A 96 -3.86 -20.74 -14.50
C ASN A 96 -3.13 -21.98 -14.04
N VAL A 97 -2.72 -22.82 -14.98
CA VAL A 97 -2.09 -24.11 -14.66
C VAL A 97 -0.66 -23.94 -14.11
N GLY A 98 -0.10 -22.75 -14.29
CA GLY A 98 1.22 -22.41 -13.79
C GLY A 98 2.33 -23.28 -14.36
N SER A 99 3.35 -23.53 -13.54
CA SER A 99 4.45 -24.41 -13.89
C SER A 99 4.95 -25.00 -12.56
N PRO A 100 4.24 -26.04 -12.07
CA PRO A 100 4.46 -26.59 -10.73
C PRO A 100 5.91 -27.04 -10.47
N SER A 101 6.58 -27.57 -11.50
CA SER A 101 7.97 -27.98 -11.38
C SER A 101 8.91 -26.80 -11.14
N ALA A 102 8.44 -25.60 -11.48
CA ALA A 102 9.21 -24.37 -11.34
C ALA A 102 8.72 -23.51 -10.17
N ASN A 103 8.04 -24.15 -9.23
CA ASN A 103 7.46 -23.49 -8.04
C ASN A 103 6.45 -22.41 -8.38
N ILE A 104 5.69 -22.68 -9.43
CA ILE A 104 4.55 -21.87 -9.81
C ILE A 104 3.32 -22.79 -9.77
N PRO A 105 2.65 -22.88 -8.60
CA PRO A 105 1.53 -23.81 -8.50
C PRO A 105 0.35 -23.41 -9.36
N GLU A 106 -0.50 -24.38 -9.68
CA GLU A 106 -1.78 -24.08 -10.29
C GLU A 106 -2.55 -23.11 -9.40
N HIS A 107 -3.17 -22.10 -10.00
CA HIS A 107 -3.82 -21.05 -9.22
C HIS A 107 -4.96 -20.37 -9.96
N TRP A 108 -5.73 -19.58 -9.23
CA TRP A 108 -6.76 -18.74 -9.82
C TRP A 108 -6.22 -17.33 -9.98
N HIS A 109 -6.42 -16.75 -11.17
CA HIS A 109 -5.90 -15.42 -11.49
C HIS A 109 -7.06 -14.45 -11.69
N TYR A 110 -7.08 -13.41 -10.85
CA TYR A 110 -8.13 -12.40 -10.82
C TYR A 110 -7.63 -11.11 -11.44
N ILE A 111 -8.48 -10.48 -12.25
CA ILE A 111 -8.14 -9.24 -12.93
C ILE A 111 -9.32 -8.27 -12.81
N SER A 112 -9.06 -7.07 -12.30
CA SER A 112 -10.12 -6.07 -12.10
C SER A 112 -10.35 -5.21 -13.34
N PHE A 113 -11.55 -4.62 -13.40
CA PHE A 113 -11.89 -3.65 -14.43
C PHE A 113 -12.65 -2.50 -13.80
N GLY A 114 -12.07 -1.31 -13.82
CA GLY A 114 -12.72 -0.13 -13.27
C GLY A 114 -11.77 0.93 -12.75
N LEU A 115 -10.57 0.52 -12.34
CA LEU A 115 -9.56 1.48 -11.92
C LEU A 115 -9.01 2.23 -13.13
N SER A 116 -8.97 1.57 -14.28
CA SER A 116 -8.62 2.24 -15.53
C SER A 116 -9.88 2.76 -16.20
N ASP A 117 -9.72 3.53 -17.27
CA ASP A 117 -10.83 4.15 -17.97
C ASP A 117 -11.39 3.15 -18.99
N LEU A 118 -12.49 2.49 -18.65
CA LEU A 118 -13.09 1.50 -19.56
C LEU A 118 -13.85 2.13 -20.72
N TYR A 119 -14.51 3.26 -20.46
CA TYR A 119 -15.54 3.78 -21.35
C TYR A 119 -15.11 5.01 -22.13
N GLY A 120 -14.32 5.88 -21.50
CA GLY A 120 -13.80 7.08 -22.16
C GLY A 120 -14.79 8.22 -22.36
N ASP A 121 -15.95 8.13 -21.69
CA ASP A 121 -17.02 9.13 -21.86
C ASP A 121 -17.26 9.96 -20.61
N ASN A 122 -16.28 9.94 -19.71
CA ASN A 122 -16.31 10.73 -18.47
C ASN A 122 -17.41 10.37 -17.48
N ARG A 123 -17.92 9.14 -17.56
CA ARG A 123 -18.92 8.68 -16.59
C ARG A 123 -18.31 8.43 -15.22
N VAL A 124 -17.01 8.16 -15.19
CA VAL A 124 -16.31 7.84 -13.93
C VAL A 124 -14.89 8.43 -13.86
N HIS A 125 -14.14 8.36 -14.96
CA HIS A 125 -12.81 8.95 -15.03
C HIS A 125 -12.79 10.09 -16.03
N GLU A 126 -11.79 10.94 -15.94
CA GLU A 126 -11.62 12.04 -16.86
C GLU A 126 -10.82 11.57 -18.07
N PHE A 127 -11.38 11.72 -19.26
CA PHE A 127 -10.71 11.33 -20.51
C PHE A 127 -9.57 12.29 -20.83
N THR A 128 -8.41 11.72 -21.18
CA THR A 128 -7.23 12.51 -21.53
C THR A 128 -6.71 12.23 -22.93
N GLY A 129 -6.77 10.97 -23.34
CA GLY A 129 -6.29 10.55 -24.66
C GLY A 129 -5.34 9.38 -24.54
N THR A 130 -4.71 9.02 -25.66
CA THR A 130 -3.82 7.85 -25.70
C THR A 130 -2.57 8.01 -24.82
N ASP A 131 -2.21 9.24 -24.57
CA ASP A 131 -1.08 9.51 -23.74
C ASP A 131 -1.39 9.45 -22.25
N GLY A 132 -0.39 9.11 -21.47
CA GLY A 132 -0.55 9.10 -20.02
C GLY A 132 -1.41 7.97 -19.49
N PRO A 133 -1.67 7.97 -18.17
CA PRO A 133 -2.52 6.96 -17.53
C PRO A 133 -4.01 7.02 -17.94
N SER A 134 -4.57 5.84 -18.12
CA SER A 134 -6.00 5.64 -18.29
C SER A 134 -6.62 5.49 -16.91
N GLY A 135 -7.47 6.44 -16.50
CA GLY A 135 -8.00 6.47 -15.12
C GLY A 135 -6.85 6.53 -14.14
N PHE A 136 -6.83 5.61 -13.17
CA PHE A 136 -5.71 5.52 -12.22
C PHE A 136 -4.45 4.90 -12.83
N GLY A 137 -4.59 4.37 -14.05
CA GLY A 137 -3.48 3.86 -14.85
C GLY A 137 -3.12 2.40 -14.64
N PHE A 138 -3.87 1.70 -13.81
CA PHE A 138 -3.62 0.28 -13.55
C PHE A 138 -4.92 -0.43 -13.23
N GLU A 139 -4.88 -1.75 -13.28
CA GLU A 139 -5.91 -2.60 -12.70
C GLU A 139 -5.22 -3.51 -11.71
N LEU A 140 -5.98 -4.03 -10.76
CA LEU A 140 -5.46 -4.98 -9.77
C LEU A 140 -5.54 -6.40 -10.27
N THR A 141 -4.55 -7.20 -9.90
CA THR A 141 -4.62 -8.64 -10.11
C THR A 141 -4.33 -9.36 -8.79
N PHE A 142 -4.58 -10.66 -8.76
CA PHE A 142 -4.34 -11.50 -7.58
C PHE A 142 -4.16 -12.93 -8.06
N ARG A 143 -3.26 -13.68 -7.42
CA ARG A 143 -3.02 -15.07 -7.79
C ARG A 143 -3.21 -15.90 -6.54
N LEU A 144 -4.25 -16.71 -6.55
CA LEU A 144 -4.65 -17.50 -5.39
C LEU A 144 -4.39 -18.97 -5.64
N LYS A 145 -3.54 -19.59 -4.82
CA LYS A 145 -3.25 -21.01 -4.97
C LYS A 145 -4.54 -21.84 -4.98
N ARG A 146 -4.65 -22.72 -5.96
CA ARG A 146 -5.80 -23.63 -6.05
C ARG A 146 -5.67 -24.71 -4.98
N GLU A 147 -6.76 -24.92 -4.24
CA GLU A 147 -6.82 -25.97 -3.24
C GLU A 147 -7.40 -27.21 -3.89
N THR A 148 -6.87 -28.38 -3.52
CA THR A 148 -7.38 -29.62 -4.10
C THR A 148 -8.88 -29.73 -3.82
N GLY A 149 -9.63 -30.12 -4.85
CA GLY A 149 -11.09 -30.19 -4.74
C GLY A 149 -11.86 -29.05 -5.37
N GLU A 150 -11.26 -27.87 -5.43
CA GLU A 150 -11.89 -26.67 -5.99
C GLU A 150 -12.10 -26.81 -7.50
N SER A 151 -13.34 -26.62 -7.94
CA SER A 151 -13.68 -26.72 -9.37
C SER A 151 -13.89 -25.36 -10.03
N ALA A 152 -13.90 -24.32 -9.21
CA ALA A 152 -14.13 -22.95 -9.68
C ALA A 152 -13.35 -21.96 -8.80
N PRO A 153 -13.00 -20.79 -9.35
CA PRO A 153 -12.37 -19.76 -8.53
C PRO A 153 -13.28 -19.33 -7.39
N PRO A 154 -12.76 -19.26 -6.15
CA PRO A 154 -13.49 -18.61 -5.06
C PRO A 154 -13.78 -17.16 -5.43
N THR A 155 -14.92 -16.63 -5.02
CA THR A 155 -15.28 -15.26 -5.42
C THR A 155 -14.85 -14.19 -4.41
N TRP A 156 -14.42 -14.60 -3.21
CA TRP A 156 -14.00 -13.61 -2.20
C TRP A 156 -12.92 -12.60 -2.64
N PRO A 157 -11.98 -12.97 -3.54
CA PRO A 157 -10.98 -11.95 -3.89
C PRO A 157 -11.56 -10.74 -4.61
N ALA A 158 -12.71 -10.90 -5.26
CA ALA A 158 -13.37 -9.74 -5.87
C ALA A 158 -13.75 -8.73 -4.79
N GLU A 159 -14.26 -9.22 -3.65
CA GLU A 159 -14.62 -8.35 -2.54
C GLU A 159 -13.40 -7.63 -1.97
N LEU A 160 -12.29 -8.36 -1.85
CA LEU A 160 -11.03 -7.77 -1.41
C LEU A 160 -10.61 -6.63 -2.35
N MET A 161 -10.65 -6.93 -3.64
CA MET A 161 -10.31 -5.94 -4.64
C MET A 161 -11.19 -4.69 -4.59
N GLN A 162 -12.49 -4.89 -4.38
CA GLN A 162 -13.42 -3.77 -4.24
C GLN A 162 -13.01 -2.86 -3.08
N GLY A 163 -12.59 -3.48 -1.98
CA GLY A 163 -12.11 -2.72 -0.81
C GLY A 163 -10.90 -1.87 -1.11
N LEU A 164 -9.92 -2.46 -1.79
CA LEU A 164 -8.73 -1.72 -2.22
C LEU A 164 -9.11 -0.60 -3.18
N ALA A 165 -9.98 -0.90 -4.15
CA ALA A 165 -10.38 0.11 -5.14
C ALA A 165 -11.18 1.26 -4.52
N ARG A 166 -12.04 0.95 -3.55
CA ARG A 166 -12.83 1.96 -2.84
C ARG A 166 -11.88 2.98 -2.20
N TYR A 167 -10.80 2.49 -1.60
CA TYR A 167 -9.79 3.37 -1.00
C TYR A 167 -9.12 4.26 -2.04
N VAL A 168 -8.74 3.68 -3.18
CA VAL A 168 -8.10 4.45 -4.25
C VAL A 168 -9.03 5.55 -4.79
N PHE A 169 -10.30 5.21 -5.01
CA PHE A 169 -11.27 6.16 -5.54
C PHE A 169 -11.59 7.27 -4.55
N GLN A 170 -11.70 6.90 -3.27
CA GLN A 170 -12.05 7.86 -2.23
C GLN A 170 -10.89 8.77 -1.81
N SER A 171 -9.72 8.18 -1.59
CA SER A 171 -8.56 8.93 -1.12
C SER A 171 -7.79 9.59 -2.27
N GLU A 172 -7.97 9.04 -3.46
CA GLU A 172 -7.12 9.32 -4.63
C GLU A 172 -5.62 9.09 -4.38
N ASN A 173 -5.29 8.35 -3.32
CA ASN A 173 -3.95 7.82 -3.14
C ASN A 173 -3.82 6.65 -4.08
N THR A 174 -2.81 6.69 -4.94
CA THR A 174 -2.63 5.60 -5.88
C THR A 174 -1.72 4.52 -5.30
N PHE A 175 -1.68 3.38 -5.97
CA PHE A 175 -0.81 2.27 -5.60
C PHE A 175 0.39 2.21 -6.53
N CYS A 176 1.57 1.95 -5.96
CA CYS A 176 2.79 1.71 -6.74
C CYS A 176 3.39 0.36 -6.37
N SER A 177 4.07 -0.27 -7.32
CA SER A 177 4.81 -1.49 -7.00
C SER A 177 5.76 -1.23 -5.84
N GLY A 178 5.75 -2.13 -4.86
CA GLY A 178 6.58 -1.97 -3.66
C GLY A 178 5.82 -1.39 -2.48
N ASP A 179 4.64 -0.84 -2.74
CA ASP A 179 3.74 -0.34 -1.68
C ASP A 179 3.18 -1.50 -0.87
N HIS A 180 2.71 -1.18 0.34
CA HIS A 180 2.02 -2.15 1.17
C HIS A 180 0.65 -1.65 1.59
N VAL A 181 -0.22 -2.60 1.92
CA VAL A 181 -1.54 -2.32 2.43
C VAL A 181 -1.72 -3.15 3.70
N SER A 182 -1.82 -2.50 4.85
CA SER A 182 -2.15 -3.23 6.07
C SER A 182 -3.66 -3.45 6.12
N TRP A 183 -4.08 -4.60 6.64
CA TRP A 183 -5.48 -4.99 6.55
C TRP A 183 -5.98 -5.50 7.89
N HIS A 184 -5.15 -6.31 8.56
CA HIS A 184 -5.37 -6.73 9.95
C HIS A 184 -6.48 -7.75 10.17
N SER A 185 -6.82 -8.48 9.13
CA SER A 185 -7.71 -9.65 9.25
C SER A 185 -7.39 -10.61 8.11
N PRO A 186 -7.67 -11.91 8.31
CA PRO A 186 -7.46 -12.87 7.23
C PRO A 186 -8.15 -12.36 5.97
N LEU A 187 -7.43 -12.35 4.85
CA LEU A 187 -7.95 -11.72 3.63
C LEU A 187 -9.26 -12.34 3.16
N ASP A 188 -9.42 -13.64 3.45
CA ASP A 188 -10.59 -14.41 3.03
C ASP A 188 -11.59 -14.66 4.17
N ASN A 189 -11.41 -13.96 5.28
CA ASN A 189 -12.25 -14.11 6.48
C ASN A 189 -12.20 -15.51 7.13
N SER A 190 -11.13 -16.25 6.85
CA SER A 190 -10.88 -17.54 7.49
C SER A 190 -10.08 -17.29 8.78
N GLU A 191 -9.25 -18.25 9.18
CA GLU A 191 -8.31 -18.05 10.27
C GLU A 191 -6.88 -17.90 9.76
N SER A 192 -6.75 -17.66 8.46
CA SER A 192 -5.46 -17.55 7.78
C SER A 192 -4.54 -16.51 8.43
N ARG A 193 -3.26 -16.84 8.45
CA ARG A 193 -2.22 -15.91 8.89
C ARG A 193 -1.93 -14.84 7.84
N ILE A 194 -2.43 -15.05 6.62
CA ILE A 194 -2.27 -14.06 5.55
C ILE A 194 -3.28 -12.93 5.80
N GLN A 195 -2.79 -11.80 6.30
CA GLN A 195 -3.65 -10.74 6.83
C GLN A 195 -3.30 -9.33 6.32
N HIS A 196 -2.31 -9.25 5.43
CA HIS A 196 -1.85 -7.97 4.88
C HIS A 196 -1.43 -8.19 3.44
N MET A 197 -1.03 -7.12 2.75
CA MET A 197 -0.71 -7.21 1.34
C MET A 197 0.49 -6.37 0.94
N LEU A 198 1.26 -6.90 0.00
CA LEU A 198 2.23 -6.09 -0.74
C LEU A 198 1.75 -5.99 -2.18
N LEU A 199 2.22 -4.97 -2.89
CA LEU A 199 1.85 -4.79 -4.29
C LEU A 199 3.06 -4.87 -5.19
N THR A 200 2.90 -5.54 -6.33
CA THR A 200 4.02 -5.76 -7.24
C THR A 200 3.50 -5.79 -8.67
N GLU A 201 4.40 -5.69 -9.65
CA GLU A 201 3.98 -5.85 -11.06
C GLU A 201 3.50 -7.28 -11.29
N ASP A 202 2.36 -7.43 -11.97
CA ASP A 202 1.91 -8.77 -12.36
C ASP A 202 3.01 -9.41 -13.22
N PRO A 203 3.36 -10.68 -12.91
CA PRO A 203 4.49 -11.33 -13.57
C PRO A 203 4.24 -11.75 -15.02
N GLN A 204 3.00 -11.63 -15.50
CA GLN A 204 2.67 -12.08 -16.87
C GLN A 204 1.98 -11.02 -17.72
N MET A 205 1.08 -10.25 -17.11
CA MET A 205 0.27 -9.25 -17.83
CA MET A 205 0.31 -9.27 -17.86
C MET A 205 1.14 -8.07 -18.28
N GLN A 206 1.22 -7.86 -19.59
CA GLN A 206 1.99 -6.73 -20.13
C GLN A 206 1.12 -5.47 -20.15
N PRO A 207 1.75 -4.29 -19.96
CA PRO A 207 1.04 -3.03 -20.13
C PRO A 207 0.30 -2.98 -21.46
N VAL A 208 -0.90 -2.42 -21.43
CA VAL A 208 -1.78 -2.38 -22.59
C VAL A 208 -2.02 -0.93 -22.98
N GLN A 209 -1.83 -0.61 -24.27
CA GLN A 209 -2.22 0.69 -24.78
C GLN A 209 -3.69 0.66 -25.17
N THR A 210 -4.44 1.64 -24.67
CA THR A 210 -5.85 1.76 -25.01
C THR A 210 -6.05 3.16 -25.59
N PRO A 211 -7.22 3.43 -26.18
CA PRO A 211 -7.53 4.78 -26.67
C PRO A 211 -7.53 5.84 -25.57
N PHE A 212 -7.57 5.39 -24.31
CA PHE A 212 -7.73 6.28 -23.17
C PHE A 212 -6.48 6.35 -22.30
N GLY A 213 -5.41 5.69 -22.75
CA GLY A 213 -4.13 5.73 -22.03
C GLY A 213 -3.55 4.34 -21.83
N VAL A 214 -2.42 4.30 -21.14
CA VAL A 214 -1.73 3.03 -20.89
C VAL A 214 -2.20 2.46 -19.56
N VAL A 215 -2.44 1.15 -19.54
CA VAL A 215 -2.90 0.44 -18.34
C VAL A 215 -1.86 -0.60 -17.97
N THR A 216 -1.38 -0.53 -16.73
CA THR A 216 -0.48 -1.55 -16.20
C THR A 216 -1.23 -2.43 -15.22
N PHE A 217 -0.58 -3.48 -14.73
CA PHE A 217 -1.26 -4.44 -13.88
C PHE A 217 -0.48 -4.68 -12.60
N LEU A 218 -1.15 -4.39 -11.48
CA LEU A 218 -0.50 -4.45 -10.18
C LEU A 218 -1.10 -5.60 -9.37
N GLN A 219 -0.25 -6.57 -9.06
CA GLN A 219 -0.67 -7.78 -8.35
C GLN A 219 -0.60 -7.63 -6.85
N ILE A 220 -1.70 -8.05 -6.21
CA ILE A 220 -1.79 -8.14 -4.75
C ILE A 220 -1.07 -9.41 -4.31
N VAL A 221 -0.21 -9.28 -3.31
CA VAL A 221 0.49 -10.42 -2.71
C VAL A 221 0.18 -10.46 -1.22
N GLY A 222 -0.52 -11.51 -0.79
CA GLY A 222 -0.85 -11.67 0.63
C GLY A 222 0.38 -12.01 1.44
N VAL A 223 0.49 -11.39 2.62
CA VAL A 223 1.64 -11.63 3.51
C VAL A 223 1.22 -11.68 4.98
N CYS A 224 2.10 -12.22 5.82
CA CYS A 224 1.91 -12.26 7.27
C CYS A 224 2.32 -10.92 7.89
N THR A 225 1.83 -10.66 9.09
CA THR A 225 2.20 -9.45 9.84
C THR A 225 3.71 -9.22 9.91
N GLU A 226 4.46 -10.28 10.19
CA GLU A 226 5.92 -10.20 10.33
C GLU A 226 6.56 -9.74 9.02
N GLU A 227 5.99 -10.19 7.90
CA GLU A 227 6.50 -9.87 6.58
C GLU A 227 6.14 -8.43 6.19
N LEU A 228 4.94 -8.01 6.55
CA LEU A 228 4.53 -6.62 6.39
C LEU A 228 5.50 -5.70 7.13
N HIS A 229 5.77 -6.03 8.39
CA HIS A 229 6.66 -5.22 9.22
C HIS A 229 8.05 -5.13 8.61
N SER A 230 8.55 -6.25 8.09
CA SER A 230 9.85 -6.27 7.44
C SER A 230 9.90 -5.39 6.19
N ALA A 231 8.81 -5.35 5.43
CA ALA A 231 8.73 -4.46 4.27
C ALA A 231 8.72 -2.99 4.68
N GLN A 232 8.06 -2.70 5.79
CA GLN A 232 7.97 -1.34 6.29
C GLN A 232 9.34 -0.85 6.75
N GLN A 233 10.03 -1.66 7.55
CA GLN A 233 11.27 -1.25 8.19
CA GLN A 233 11.27 -1.26 8.19
C GLN A 233 12.45 -1.27 7.23
N TRP A 234 12.38 -2.11 6.20
CA TRP A 234 13.42 -2.20 5.19
C TRP A 234 12.86 -1.66 3.88
N ASN A 235 12.59 -2.53 2.92
CA ASN A 235 11.89 -2.11 1.71
C ASN A 235 11.02 -3.19 1.09
N GLY A 236 9.89 -2.76 0.53
CA GLY A 236 8.90 -3.67 -0.03
C GLY A 236 9.48 -4.54 -1.12
N GLN A 237 10.29 -3.93 -2.00
CA GLN A 237 10.91 -4.67 -3.09
C GLN A 237 11.80 -5.81 -2.59
N GLY A 238 12.59 -5.52 -1.57
CA GLY A 238 13.45 -6.53 -0.94
C GLY A 238 12.67 -7.73 -0.40
N ILE A 239 11.55 -7.45 0.26
CA ILE A 239 10.71 -8.51 0.81
C ILE A 239 10.01 -9.32 -0.29
N LEU A 240 9.53 -8.63 -1.33
CA LEU A 240 8.95 -9.32 -2.49
C LEU A 240 9.96 -10.28 -3.12
N GLU A 241 11.22 -9.84 -3.21
CA GLU A 241 12.27 -10.70 -3.74
C GLU A 241 12.50 -11.93 -2.88
N LEU A 242 12.48 -11.77 -1.56
CA LEU A 242 12.59 -12.91 -0.65
C LEU A 242 11.42 -13.89 -0.77
N LEU A 243 10.22 -13.35 -0.95
CA LEU A 243 9.03 -14.16 -1.14
C LEU A 243 9.12 -14.99 -2.42
N ARG A 244 9.76 -14.43 -3.45
CA ARG A 244 9.99 -15.13 -4.71
C ARG A 244 10.89 -16.36 -4.52
N THR A 245 11.80 -16.29 -3.55
CA THR A 245 12.76 -17.37 -3.30
C THR A 245 12.23 -18.48 -2.38
N VAL A 246 11.04 -18.27 -1.83
CA VAL A 246 10.41 -19.25 -0.93
C VAL A 246 9.07 -19.74 -1.54
N PRO A 247 9.09 -20.90 -2.23
CA PRO A 247 7.93 -21.37 -3.01
C PRO A 247 6.59 -21.25 -2.31
N ILE A 248 6.50 -21.73 -1.08
CA ILE A 248 5.24 -21.72 -0.33
C ILE A 248 4.76 -20.28 -0.02
N ALA A 249 5.71 -19.35 0.08
CA ALA A 249 5.37 -17.95 0.38
C ALA A 249 5.15 -17.07 -0.87
N GLY A 250 5.27 -17.67 -2.06
CA GLY A 250 5.00 -16.92 -3.29
C GLY A 250 5.62 -17.53 -4.52
N GLY A 251 6.92 -17.81 -4.46
CA GLY A 251 7.63 -18.30 -5.64
C GLY A 251 7.75 -17.22 -6.70
N PRO A 252 8.27 -17.58 -7.88
CA PRO A 252 8.53 -16.63 -8.98
C PRO A 252 7.34 -15.74 -9.37
N TRP A 253 6.12 -16.26 -9.30
CA TRP A 253 4.94 -15.47 -9.68
C TRP A 253 4.19 -14.89 -8.49
N LEU A 254 4.74 -15.07 -7.29
CA LEU A 254 4.14 -14.52 -6.06
C LEU A 254 2.66 -14.88 -5.91
N ILE A 255 2.42 -16.18 -5.95
CA ILE A 255 1.10 -16.74 -5.74
C ILE A 255 0.82 -16.77 -4.24
N THR A 256 -0.36 -16.31 -3.85
CA THR A 256 -0.77 -16.28 -2.46
C THR A 256 -1.41 -17.60 -2.06
N ASP A 257 -0.84 -18.23 -1.03
CA ASP A 257 -1.39 -19.45 -0.45
C ASP A 257 -2.04 -19.12 0.90
N MET A 258 -3.36 -19.11 0.92
CA MET A 258 -4.08 -18.71 2.12
C MET A 258 -3.92 -19.73 3.27
N ARG A 259 -3.45 -20.93 2.94
CA ARG A 259 -3.22 -21.96 3.95
C ARG A 259 -1.81 -21.95 4.54
N ARG A 260 -0.96 -21.04 4.07
CA ARG A 260 0.41 -20.94 4.58
C ARG A 260 0.39 -20.63 6.08
N GLY A 261 1.06 -21.50 6.85
CA GLY A 261 1.05 -21.38 8.30
C GLY A 261 2.31 -20.77 8.91
N GLU A 262 3.35 -20.61 8.09
CA GLU A 262 4.65 -20.12 8.58
C GLU A 262 5.11 -18.88 7.82
N THR A 263 5.80 -17.99 8.51
CA THR A 263 6.41 -16.82 7.85
C THR A 263 7.69 -17.28 7.16
N ILE A 264 8.19 -16.48 6.21
CA ILE A 264 9.45 -16.79 5.54
C ILE A 264 10.62 -16.89 6.53
N PHE A 265 10.51 -16.21 7.67
CA PHE A 265 11.55 -16.24 8.70
C PHE A 265 11.49 -17.50 9.55
N GLU A 266 10.31 -18.08 9.69
CA GLU A 266 10.15 -19.37 10.36
C GLU A 266 10.61 -20.50 9.45
N ILE A 267 10.39 -20.33 8.15
CA ILE A 267 10.81 -21.32 7.15
C ILE A 267 12.32 -21.31 6.98
N ASP A 268 12.89 -20.12 6.80
CA ASP A 268 14.34 -19.96 6.69
C ASP A 268 14.82 -18.88 7.68
N PRO A 269 15.21 -19.30 8.90
CA PRO A 269 15.70 -18.38 9.94
C PRO A 269 16.81 -17.44 9.45
N HIS A 270 17.65 -17.90 8.53
CA HIS A 270 18.72 -17.07 7.95
C HIS A 270 18.21 -15.80 7.26
N LEU A 271 16.96 -15.80 6.79
CA LEU A 271 16.38 -14.62 6.14
C LEU A 271 16.18 -13.45 7.08
N GLN A 272 15.97 -13.74 8.36
CA GLN A 272 15.82 -12.69 9.38
C GLN A 272 17.10 -11.86 9.49
N GLU A 273 18.24 -12.54 9.43
CA GLU A 273 19.55 -11.89 9.45
C GLU A 273 19.75 -11.00 8.23
N ARG A 274 19.35 -11.48 7.06
CA ARG A 274 19.42 -10.72 5.82
C ARG A 274 18.63 -9.42 5.94
N VAL A 275 17.40 -9.53 6.45
CA VAL A 275 16.53 -8.36 6.64
C VAL A 275 17.10 -7.41 7.71
N ASP A 276 17.55 -7.96 8.83
CA ASP A 276 18.16 -7.17 9.90
C ASP A 276 19.36 -6.36 9.39
N LYS A 277 20.21 -7.01 8.59
CA LYS A 277 21.38 -6.34 8.02
C LYS A 277 20.94 -5.24 7.05
N GLY A 278 19.90 -5.53 6.28
CA GLY A 278 19.32 -4.55 5.37
C GLY A 278 18.78 -3.32 6.06
N ILE A 279 18.04 -3.52 7.16
CA ILE A 279 17.51 -2.40 7.95
C ILE A 279 18.65 -1.56 8.54
N GLU A 280 19.65 -2.24 9.08
CA GLU A 280 20.84 -1.58 9.62
C GLU A 280 21.60 -0.72 8.60
N THR A 281 21.77 -1.26 7.38
CA THR A 281 22.61 -0.62 6.36
C THR A 281 21.83 0.36 5.48
N ASP A 282 20.62 -0.06 5.07
CA ASP A 282 19.84 0.70 4.09
C ASP A 282 18.80 1.62 4.73
N GLY A 283 18.44 1.32 5.98
CA GLY A 283 17.27 1.94 6.59
C GLY A 283 16.00 1.57 5.84
N SER A 284 14.96 2.40 6.00
CA SER A 284 13.68 2.14 5.36
C SER A 284 13.54 2.96 4.08
N ASN A 285 12.91 2.39 3.07
CA ASN A 285 12.61 3.14 1.85
C ASN A 285 11.20 3.71 1.87
N LEU A 286 10.54 3.59 3.02
CA LEU A 286 9.16 4.06 3.17
C LEU A 286 9.16 5.56 3.34
N SER A 287 8.63 6.28 2.35
CA SER A 287 8.61 7.74 2.38
C SER A 287 7.36 8.32 3.05
N GLY A 288 6.35 7.50 3.23
CA GLY A 288 5.15 7.95 3.90
C GLY A 288 4.12 6.86 4.06
N VAL A 289 3.08 7.18 4.83
CA VAL A 289 1.91 6.33 4.97
C VAL A 289 0.65 7.17 4.95
N SER A 290 -0.43 6.59 4.43
CA SER A 290 -1.77 7.11 4.64
C SER A 290 -2.25 6.48 5.93
N ALA A 291 -2.58 7.32 6.91
CA ALA A 291 -2.83 6.85 8.26
C ALA A 291 -3.73 7.80 9.03
N LYS A 292 -4.16 7.39 10.22
CA LYS A 292 -4.90 8.28 11.09
C LYS A 292 -3.89 9.10 11.88
N CYS A 293 -3.95 10.42 11.69
CA CYS A 293 -3.05 11.34 12.37
C CYS A 293 -3.61 12.74 12.36
N ALA A 294 -3.05 13.59 13.22
CA ALA A 294 -3.46 14.98 13.34
C ALA A 294 -2.35 15.75 14.05
N TRP A 295 -2.42 17.06 13.96
CA TRP A 295 -1.53 17.90 14.71
C TRP A 295 -2.18 19.17 15.17
N ASP A 296 -1.67 19.72 16.25
CA ASP A 296 -2.21 20.92 16.84
C ASP A 296 -1.16 21.89 17.27
N ASP A 297 -1.59 23.13 17.44
CA ASP A 297 -0.74 24.28 17.71
C ASP A 297 -0.37 24.40 19.17
N LEU A 298 -0.84 23.48 19.99
CA LEU A 298 -0.41 23.49 21.37
C LEU A 298 -0.36 24.95 21.87
N GLU A 319 11.63 29.78 -0.26
CA GLU A 319 10.36 29.08 -0.09
C GLU A 319 9.28 29.66 -1.01
N LEU A 320 8.40 28.78 -1.49
CA LEU A 320 7.33 29.15 -2.41
C LEU A 320 6.14 29.80 -1.73
N ILE A 321 6.20 29.90 -0.40
CA ILE A 321 5.09 30.33 0.42
C ILE A 321 5.60 30.87 1.74
N ARG A 322 4.85 31.82 2.31
CA ARG A 322 5.03 32.19 3.69
C ARG A 322 4.34 31.14 4.53
N THR A 323 5.04 30.64 5.54
CA THR A 323 4.50 29.61 6.41
C THR A 323 4.29 30.14 7.83
N ARG A 324 3.48 29.43 8.60
CA ARG A 324 3.28 29.72 10.01
C ARG A 324 4.40 29.10 10.83
N GLN A 325 5.06 29.91 11.64
CA GLN A 325 6.14 29.44 12.50
C GLN A 325 5.56 29.06 13.85
N LEU A 326 5.61 27.76 14.17
CA LEU A 326 4.97 27.27 15.38
C LEU A 326 5.95 27.22 16.55
N GLU A 327 5.51 27.74 17.70
CA GLU A 327 6.32 27.77 18.91
C GLU A 327 6.40 26.39 19.55
N SER A 328 5.31 25.64 19.44
CA SER A 328 5.20 24.29 19.97
C SER A 328 4.24 23.50 19.10
N VAL A 329 4.40 22.19 19.09
CA VAL A 329 3.46 21.35 18.35
C VAL A 329 3.05 20.13 19.14
N HIS A 330 1.83 19.69 18.91
CA HIS A 330 1.32 18.46 19.49
C HIS A 330 0.93 17.55 18.33
N LEU A 331 1.60 16.40 18.24
CA LEU A 331 1.35 15.43 17.19
C LEU A 331 0.49 14.32 17.75
N LYS A 332 -0.52 13.93 16.97
CA LYS A 332 -1.45 12.89 17.41
C LYS A 332 -1.53 11.77 16.39
N PHE A 333 -1.45 10.54 16.90
CA PHE A 333 -1.43 9.35 16.07
C PHE A 333 -2.35 8.32 16.68
N ASN A 334 -2.84 7.40 15.84
CA ASN A 334 -3.51 6.23 16.39
C ASN A 334 -2.48 5.15 16.69
N GLN A 335 -2.92 3.99 17.18
CA GLN A 335 -1.98 2.94 17.58
C GLN A 335 -1.06 2.55 16.44
N GLU A 336 -1.64 2.30 15.26
CA GLU A 336 -0.88 1.79 14.12
C GLU A 336 0.15 2.82 13.61
N SER A 337 -0.27 4.07 13.47
CA SER A 337 0.65 5.10 13.00
C SER A 337 1.70 5.44 14.06
N GLY A 338 1.28 5.42 15.34
CA GLY A 338 2.20 5.63 16.46
C GLY A 338 3.31 4.60 16.50
N ALA A 339 2.97 3.36 16.16
CA ALA A 339 3.93 2.25 16.16
C ALA A 339 5.02 2.42 15.10
N LEU A 340 4.77 3.29 14.12
CA LEU A 340 5.73 3.58 13.05
C LEU A 340 6.65 4.77 13.37
N ILE A 341 6.46 5.41 14.52
CA ILE A 341 7.33 6.53 14.90
C ILE A 341 8.84 6.14 14.93
N PRO A 342 9.19 5.00 15.57
CA PRO A 342 10.61 4.63 15.54
C PRO A 342 11.16 4.43 14.11
N LEU A 343 10.35 3.88 13.21
CA LEU A 343 10.76 3.73 11.81
C LEU A 343 11.04 5.10 11.21
N CYS A 344 10.10 6.02 11.43
CA CYS A 344 10.23 7.39 10.98
C CYS A 344 11.56 8.01 11.48
N LEU A 345 11.83 7.87 12.77
CA LEU A 345 13.02 8.47 13.38
C LEU A 345 14.31 7.76 12.99
N ARG A 346 14.40 6.46 13.28
CA ARG A 346 15.62 5.69 13.03
C ARG A 346 15.82 5.29 11.56
N GLY A 347 14.76 4.78 10.94
CA GLY A 347 14.85 4.24 9.59
C GLY A 347 14.80 5.29 8.51
N ARG A 348 14.39 6.50 8.86
CA ARG A 348 14.30 7.60 7.88
C ARG A 348 15.17 8.80 8.27
N LEU A 349 14.80 9.48 9.35
CA LEU A 349 15.50 10.72 9.71
C LEU A 349 16.99 10.52 9.96
N LEU A 350 17.35 9.45 10.69
CA LEU A 350 18.78 9.20 10.96
C LEU A 350 19.57 8.80 9.72
N HIS A 351 18.86 8.42 8.66
CA HIS A 351 19.48 8.16 7.36
C HIS A 351 19.47 9.37 6.43
N GLY A 352 19.07 10.53 6.97
CA GLY A 352 19.08 11.79 6.22
C GLY A 352 17.89 11.93 5.28
N ARG A 353 16.82 11.22 5.59
CA ARG A 353 15.62 11.22 4.76
C ARG A 353 14.44 11.89 5.48
N HIS A 354 13.28 11.81 4.86
CA HIS A 354 12.06 12.42 5.37
C HIS A 354 11.02 11.33 5.48
N PHE A 355 9.92 11.65 6.18
CA PHE A 355 8.80 10.71 6.29
C PHE A 355 7.51 11.49 6.49
N THR A 356 6.48 11.15 5.73
CA THR A 356 5.22 11.86 5.81
C THR A 356 4.07 10.95 6.25
N TYR A 357 3.40 11.35 7.34
CA TYR A 357 2.10 10.83 7.70
C TYR A 357 1.04 11.68 7.03
N LYS A 358 0.21 11.06 6.21
CA LYS A 358 -0.86 11.79 5.52
C LYS A 358 -2.21 11.26 5.99
N SER A 359 -3.04 12.13 6.56
CA SER A 359 -4.38 11.72 7.02
C SER A 359 -5.22 11.11 5.90
N ILE A 360 -5.88 10.01 6.25
CA ILE A 360 -6.86 9.38 5.38
C ILE A 360 -8.22 10.10 5.49
N THR A 361 -8.55 10.58 6.68
CA THR A 361 -9.86 11.18 6.97
C THR A 361 -10.00 12.61 6.40
N GLY A 362 -8.91 13.37 6.44
CA GLY A 362 -8.93 14.76 6.00
C GLY A 362 -7.61 15.17 5.35
N ASP A 363 -7.29 16.45 5.42
CA ASP A 363 -6.12 16.99 4.70
C ASP A 363 -4.87 17.25 5.56
N MET A 364 -4.92 16.87 6.83
CA MET A 364 -3.74 17.05 7.69
C MET A 364 -2.64 16.10 7.25
N ALA A 365 -1.42 16.62 7.29
CA ALA A 365 -0.23 15.81 6.99
C ALA A 365 0.90 16.29 7.89
N ILE A 366 1.75 15.35 8.31
CA ILE A 366 2.90 15.68 9.13
C ILE A 366 4.13 15.10 8.43
N THR A 367 5.02 15.99 7.98
CA THR A 367 6.25 15.57 7.32
C THR A 367 7.44 15.84 8.24
N PHE A 368 8.08 14.75 8.68
CA PHE A 368 9.30 14.82 9.47
C PHE A 368 10.45 14.98 8.50
N VAL A 369 11.31 15.97 8.74
CA VAL A 369 12.52 16.13 7.93
C VAL A 369 13.75 16.15 8.84
N SER A 370 14.87 15.74 8.26
CA SER A 370 16.17 15.79 8.94
C SER A 370 16.97 16.94 8.34
N THR A 371 18.08 17.28 8.96
CA THR A 371 18.98 18.28 8.39
C THR A 371 19.51 17.75 7.06
N GLY A 372 19.60 18.63 6.08
CA GLY A 372 20.09 18.25 4.75
C GLY A 372 18.99 17.96 3.75
N VAL A 373 17.80 17.57 4.23
CA VAL A 373 16.65 17.34 3.35
C VAL A 373 16.37 18.65 2.59
N GLU A 374 16.31 18.55 1.27
CA GLU A 374 16.11 19.72 0.40
C GLU A 374 14.63 19.92 0.07
N GLY A 375 14.22 21.17 -0.11
CA GLY A 375 12.87 21.50 -0.55
C GLY A 375 11.84 21.58 0.57
N ALA A 376 12.30 21.60 1.81
CA ALA A 376 11.43 21.73 2.97
C ALA A 376 11.24 23.19 3.35
N PHE A 377 10.09 23.51 3.93
CA PHE A 377 9.86 24.85 4.44
C PHE A 377 10.11 24.97 5.97
N ALA A 378 10.29 23.83 6.64
CA ALA A 378 10.82 23.79 8.00
C ALA A 378 12.34 23.92 7.92
N THR A 379 12.91 24.76 8.77
CA THR A 379 14.36 25.01 8.76
C THR A 379 14.94 24.78 10.16
N GLU A 380 16.28 24.72 10.24
CA GLU A 380 16.93 24.59 11.55
C GLU A 380 16.55 25.73 12.49
N GLU A 381 16.45 26.94 11.95
CA GLU A 381 16.06 28.12 12.74
C GLU A 381 14.59 28.12 13.12
N HIS A 382 13.73 27.71 12.18
CA HIS A 382 12.30 27.58 12.45
C HIS A 382 11.83 26.15 12.14
N PRO A 383 12.07 25.22 13.08
CA PRO A 383 11.89 23.78 12.83
C PRO A 383 10.44 23.29 12.77
N TYR A 384 9.50 24.06 13.31
CA TYR A 384 8.08 23.68 13.24
C TYR A 384 7.35 24.71 12.39
N ALA A 385 6.90 24.29 11.22
CA ALA A 385 6.34 25.23 10.24
C ALA A 385 5.16 24.60 9.52
N ALA A 386 4.13 25.40 9.27
CA ALA A 386 2.94 24.88 8.62
C ALA A 386 2.44 25.76 7.49
N HIS A 387 1.90 25.10 6.47
CA HIS A 387 1.15 25.76 5.43
C HIS A 387 -0.21 25.09 5.41
N GLY A 388 -1.21 25.80 5.95
CA GLY A 388 -2.54 25.22 6.14
C GLY A 388 -2.43 23.95 6.97
N PRO A 389 -3.06 22.85 6.49
CA PRO A 389 -3.05 21.60 7.26
C PRO A 389 -1.75 20.80 7.16
N TRP A 390 -0.77 21.28 6.39
CA TRP A 390 0.49 20.55 6.22
C TRP A 390 1.57 21.05 7.17
N LEU A 391 1.92 20.20 8.14
CA LEU A 391 2.97 20.51 9.09
C LEU A 391 4.27 19.86 8.66
N GLN A 392 5.36 20.63 8.69
CA GLN A 392 6.72 20.10 8.54
C GLN A 392 7.48 20.30 9.84
N ILE A 393 8.19 19.29 10.27
CA ILE A 393 8.90 19.36 11.50
C ILE A 393 10.32 18.83 11.26
N LEU A 394 11.30 19.72 11.48
CA LEU A 394 12.72 19.43 11.35
C LEU A 394 13.24 19.01 12.71
N LEU A 395 13.81 17.81 12.79
CA LEU A 395 14.44 17.34 14.02
C LEU A 395 15.92 17.08 13.78
N THR A 396 16.75 17.58 14.69
CA THR A 396 18.19 17.36 14.60
C THR A 396 18.54 15.94 15.04
N GLU A 397 19.67 15.45 14.55
CA GLU A 397 20.15 14.12 14.89
C GLU A 397 20.16 13.85 16.39
N GLU A 398 20.71 14.80 17.16
CA GLU A 398 20.79 14.67 18.63
C GLU A 398 19.41 14.43 19.26
N PHE A 399 18.42 15.23 18.85
CA PHE A 399 17.09 15.11 19.41
C PHE A 399 16.39 13.82 18.97
N VAL A 400 16.57 13.44 17.70
CA VAL A 400 16.01 12.17 17.20
C VAL A 400 16.49 11.00 18.05
N GLU A 401 17.79 11.00 18.37
CA GLU A 401 18.38 9.96 19.21
C GLU A 401 17.74 9.92 20.59
N LYS A 402 17.51 11.10 21.17
CA LYS A 402 16.85 11.22 22.47
C LYS A 402 15.41 10.69 22.44
N MET A 403 14.66 11.06 21.41
CA MET A 403 13.29 10.59 21.24
C MET A 403 13.23 9.07 21.16
N LEU A 404 14.11 8.48 20.35
CA LEU A 404 14.21 7.03 20.21
C LEU A 404 14.33 6.31 21.56
N GLU A 405 15.24 6.80 22.40
CA GLU A 405 15.41 6.28 23.76
C GLU A 405 14.11 6.33 24.56
N ASP A 406 13.40 7.46 24.47
CA ASP A 406 12.17 7.68 25.24
C ASP A 406 10.99 6.87 24.74
N LEU A 407 11.05 6.44 23.47
CA LEU A 407 9.96 5.71 22.83
C LEU A 407 10.25 4.21 22.70
N GLU A 408 10.87 3.62 23.73
CA GLU A 408 11.17 2.18 23.75
C GLU A 408 9.91 1.32 23.55
N ASP A 409 8.84 1.70 24.22
CA ASP A 409 7.55 1.00 24.15
C ASP A 409 6.78 1.28 22.85
N LEU A 410 7.29 2.23 22.06
CA LEU A 410 6.71 2.66 20.77
C LEU A 410 5.20 2.97 20.81
N LYS A 417 -4.56 0.43 26.26
CA LYS A 417 -3.42 1.15 26.84
C LYS A 417 -3.37 2.62 26.41
N LEU A 418 -4.46 3.10 25.82
CA LEU A 418 -4.57 4.48 25.35
C LEU A 418 -5.32 5.35 26.35
N PRO A 419 -4.96 6.64 26.47
CA PRO A 419 -3.91 7.31 25.68
C PRO A 419 -2.50 7.09 26.21
N LYS A 420 -1.52 7.15 25.29
CA LYS A 420 -0.11 7.23 25.66
C LYS A 420 0.37 8.64 25.33
N GLU A 421 1.08 9.24 26.28
CA GLU A 421 1.59 10.60 26.11
C GLU A 421 3.09 10.68 26.29
N TYR A 422 3.74 11.38 25.37
CA TYR A 422 5.16 11.66 25.45
C TYR A 422 5.37 13.15 25.28
N SER A 423 6.21 13.73 26.12
CA SER A 423 6.43 15.16 26.11
C SER A 423 7.92 15.48 26.26
N TRP A 424 8.38 16.41 25.43
CA TRP A 424 9.74 16.95 25.53
C TRP A 424 9.67 18.47 25.67
N PRO A 425 9.45 18.97 26.91
CA PRO A 425 9.30 20.39 27.19
C PRO A 425 10.43 21.26 26.61
N GLU A 426 11.65 20.76 26.64
CA GLU A 426 12.82 21.48 26.11
C GLU A 426 12.67 21.82 24.62
N LYS A 427 11.93 20.99 23.90
CA LYS A 427 11.74 21.18 22.47
C LYS A 427 10.31 21.57 22.11
N LYS A 428 9.48 21.79 23.13
CA LYS A 428 8.09 22.23 22.98
C LYS A 428 7.31 21.27 22.07
N LEU A 429 7.50 19.98 22.31
CA LEU A 429 6.94 18.94 21.47
C LEU A 429 6.22 17.90 22.31
N LYS A 430 5.00 17.56 21.91
CA LYS A 430 4.19 16.52 22.55
C LYS A 430 3.71 15.53 21.50
N VAL A 431 3.69 14.25 21.87
CA VAL A 431 3.16 13.19 21.02
C VAL A 431 2.13 12.38 21.82
N SER A 432 0.93 12.25 21.27
CA SER A 432 -0.12 11.46 21.89
C SER A 432 -0.53 10.31 20.98
N ILE A 433 -0.72 9.15 21.58
CA ILE A 433 -1.27 8.00 20.86
C ILE A 433 -2.71 7.82 21.35
N LEU A 434 -3.66 7.91 20.42
CA LEU A 434 -5.08 8.04 20.78
C LEU A 434 -5.96 7.04 20.05
N PRO A 435 -7.18 6.81 20.54
CA PRO A 435 -8.13 5.91 19.85
C PRO A 435 -8.51 6.44 18.46
N ASP A 436 -8.90 5.55 17.55
CA ASP A 436 -9.21 5.93 16.17
C ASP A 436 -10.26 7.04 16.06
N VAL A 437 -11.25 7.01 16.96
CA VAL A 437 -12.38 7.93 16.88
C VAL A 437 -11.97 9.41 16.90
N VAL A 438 -10.85 9.70 17.55
CA VAL A 438 -10.31 11.06 17.65
C VAL A 438 -10.09 11.65 16.25
N PHE A 439 -9.74 10.77 15.31
CA PHE A 439 -9.36 11.21 13.98
C PHE A 439 -10.53 11.23 13.00
N ASP A 440 -11.72 10.90 13.49
CA ASP A 440 -12.97 11.06 12.73
C ASP A 440 -13.39 12.53 12.69
N GLY B 8 10.36 6.73 -3.17
CA GLY B 8 10.09 5.88 -1.96
C GLY B 8 8.75 5.17 -1.98
N SER B 9 8.69 4.05 -1.28
CA SER B 9 7.45 3.27 -1.16
C SER B 9 6.50 3.90 -0.17
N TYR B 10 5.26 3.43 -0.19
CA TYR B 10 4.19 4.03 0.56
C TYR B 10 3.37 2.96 1.23
N GLY B 11 2.93 3.25 2.46
CA GLY B 11 2.03 2.35 3.17
C GLY B 11 0.61 2.89 3.19
N HIS B 12 -0.34 2.02 2.90
CA HIS B 12 -1.76 2.40 2.91
C HIS B 12 -2.38 1.62 4.07
N LEU B 13 -2.59 2.31 5.18
CA LEU B 13 -2.83 1.61 6.45
C LEU B 13 -4.29 1.43 6.80
N SER B 14 -4.66 0.17 7.08
CA SER B 14 -6.00 -0.22 7.55
C SER B 14 -7.12 0.41 6.72
N ILE B 15 -7.05 0.18 5.41
CA ILE B 15 -7.91 0.89 4.47
C ILE B 15 -9.27 0.22 4.30
N GLY B 16 -9.47 -0.90 5.01
CA GLY B 16 -10.76 -1.57 5.08
C GLY B 16 -11.68 -0.91 6.09
N THR B 17 -11.10 -0.15 7.02
CA THR B 17 -11.87 0.65 7.98
C THR B 17 -11.67 2.16 7.74
#